data_3SUB
#
_entry.id   3SUB
#
_cell.length_a   95.900
_cell.length_b   95.900
_cell.length_c   92.800
_cell.angle_alpha   90.00
_cell.angle_beta   90.00
_cell.angle_gamma   120.00
#
_symmetry.space_group_name_H-M   'P 32 2 1'
#
loop_
_entity.id
_entity.type
_entity.pdbx_description
1 polymer 'ADP-ribosylation factor GTPase-activating protein'
2 non-polymer 'ZINC ION'
3 non-polymer 'SULFATE ION'
4 water water
#
_entity_poly.entity_id   1
_entity_poly.type   'polypeptide(L)'
_entity_poly.pdbx_seq_one_letter_code
;GSHMNAAAVEFINRLKKEDESNNKCFDCGISNPDWVSVNHGIFLCINCSGVHRSLGVHISIVRSIKMDIFTDEQLKYIDK
GGNKKCQTYLENYGISDFIPERKYRTKAADHYRKILRSIVHNVDPPAPLPLDEGKSLINYGRNENVNENNKNQYSNEEPD
FIS
;
_entity_poly.pdbx_strand_id   A,B
#
loop_
_chem_comp.id
_chem_comp.type
_chem_comp.name
_chem_comp.formula
SO4 non-polymer 'SULFATE ION' 'O4 S -2'
ZN non-polymer 'ZINC ION' 'Zn 2'
#
# COMPACT_ATOMS: atom_id res chain seq x y z
N GLY A 1 31.64 6.94 -11.84
CA GLY A 1 32.34 6.71 -13.14
C GLY A 1 31.64 5.70 -14.02
N SER A 2 32.39 5.13 -14.95
CA SER A 2 31.87 4.15 -15.93
C SER A 2 31.36 2.86 -15.29
N HIS A 3 32.01 2.44 -14.21
CA HIS A 3 31.65 1.20 -13.52
C HIS A 3 30.29 1.31 -12.81
N MET A 4 30.08 2.41 -12.09
CA MET A 4 28.82 2.67 -11.40
C MET A 4 27.63 2.76 -12.36
N ASN A 5 27.88 3.34 -13.54
CA ASN A 5 26.86 3.47 -14.58
C ASN A 5 26.47 2.12 -15.19
N ALA A 6 27.48 1.27 -15.41
CA ALA A 6 27.27 -0.05 -16.02
C ALA A 6 26.55 -1.02 -15.10
N ALA A 7 26.83 -0.92 -13.79
CA ALA A 7 26.16 -1.74 -12.79
C ALA A 7 24.69 -1.36 -12.66
N ALA A 8 24.40 -0.07 -12.80
CA ALA A 8 23.03 0.45 -12.77
C ALA A 8 22.17 -0.07 -13.93
N VAL A 9 22.74 -0.10 -15.13
CA VAL A 9 22.08 -0.65 -16.32
C VAL A 9 21.81 -2.15 -16.16
N GLU A 10 22.79 -2.88 -15.62
CA GLU A 10 22.65 -4.30 -15.32
C GLU A 10 21.52 -4.57 -14.32
N PHE A 11 21.38 -3.66 -13.35
CA PHE A 11 20.32 -3.71 -12.35
C PHE A 11 18.94 -3.51 -13.00
N ILE A 12 18.81 -2.48 -13.82
CA ILE A 12 17.58 -2.18 -14.54
C ILE A 12 17.15 -3.34 -15.44
N ASN A 13 18.12 -3.91 -16.16
CA ASN A 13 17.86 -5.07 -17.01
C ASN A 13 17.39 -6.29 -16.23
N ARG A 14 17.90 -6.48 -15.02
CA ARG A 14 17.40 -7.54 -14.13
C ARG A 14 15.92 -7.31 -13.79
N LEU A 15 15.58 -6.07 -13.44
CA LEU A 15 14.20 -5.72 -13.11
C LEU A 15 13.25 -5.86 -14.31
N LYS A 16 13.77 -5.62 -15.51
CA LYS A 16 13.01 -5.83 -16.73
C LYS A 16 12.81 -7.31 -17.06
N LYS A 17 13.76 -8.15 -16.64
CA LYS A 17 13.66 -9.60 -16.82
C LYS A 17 12.84 -10.26 -15.71
N GLU A 18 12.83 -9.66 -14.53
CA GLU A 18 12.01 -10.12 -13.41
C GLU A 18 10.53 -9.85 -13.69
N ASP A 19 10.19 -8.56 -13.75
CA ASP A 19 8.84 -8.08 -14.06
C ASP A 19 8.76 -7.60 -15.52
N GLU A 20 8.14 -8.40 -16.37
CA GLU A 20 8.10 -8.13 -17.82
C GLU A 20 7.37 -6.84 -18.23
N SER A 21 6.45 -6.37 -17.39
CA SER A 21 5.72 -5.13 -17.65
C SER A 21 6.61 -3.88 -17.61
N ASN A 22 7.83 -4.03 -17.08
CA ASN A 22 8.85 -2.97 -17.11
C ASN A 22 9.42 -2.73 -18.51
N ASN A 23 9.09 -3.65 -19.43
CA ASN A 23 9.56 -3.57 -20.82
C ASN A 23 8.58 -2.91 -21.78
N LYS A 24 7.55 -2.29 -21.21
CA LYS A 24 6.60 -1.49 -21.97
C LYS A 24 6.47 -0.14 -21.27
N CYS A 25 6.29 0.92 -22.06
CA CYS A 25 6.11 2.26 -21.48
C CYS A 25 4.83 2.31 -20.63
N PHE A 26 4.98 2.83 -19.42
CA PHE A 26 3.87 2.88 -18.47
C PHE A 26 2.62 3.59 -19.01
N ASP A 27 2.82 4.69 -19.73
CA ASP A 27 1.73 5.53 -20.20
C ASP A 27 1.12 5.11 -21.55
N CYS A 28 1.96 4.68 -22.50
CA CYS A 28 1.50 4.38 -23.86
C CYS A 28 1.73 2.94 -24.31
N GLY A 29 2.55 2.20 -23.57
CA GLY A 29 2.69 0.76 -23.81
C GLY A 29 3.73 0.30 -24.81
N ILE A 30 4.45 1.22 -25.46
CA ILE A 30 5.44 0.80 -26.44
C ILE A 30 6.66 0.14 -25.79
N SER A 31 7.24 -0.82 -26.49
CA SER A 31 8.30 -1.66 -25.92
C SER A 31 9.63 -0.94 -25.79
N ASN A 32 10.49 -1.50 -24.94
CA ASN A 32 11.86 -1.00 -24.70
C ASN A 32 11.95 0.45 -24.22
N PRO A 33 11.21 0.80 -23.15
CA PRO A 33 11.30 2.16 -22.61
C PRO A 33 12.68 2.40 -22.00
N ASP A 34 13.32 3.49 -22.41
CA ASP A 34 14.67 3.82 -21.98
CA ASP A 34 14.67 3.81 -21.94
C ASP A 34 14.70 5.03 -21.03
N TRP A 35 13.53 5.42 -20.53
CA TRP A 35 13.43 6.53 -19.58
C TRP A 35 12.72 6.08 -18.30
N VAL A 36 12.92 6.84 -17.23
CA VAL A 36 12.36 6.51 -15.92
C VAL A 36 11.75 7.75 -15.27
N SER A 37 10.54 7.62 -14.74
CA SER A 37 10.04 8.59 -13.77
C SER A 37 10.38 8.04 -12.38
N VAL A 38 11.50 8.52 -11.84
CA VAL A 38 12.08 8.00 -10.59
C VAL A 38 11.08 8.04 -9.43
N ASN A 39 10.39 9.17 -9.31
CA ASN A 39 9.39 9.47 -8.30
CA ASN A 39 9.49 9.34 -8.17
C ASN A 39 8.23 8.46 -8.22
N HIS A 40 7.97 7.80 -9.35
CA HIS A 40 6.90 6.82 -9.47
C HIS A 40 7.46 5.40 -9.60
N GLY A 41 8.76 5.29 -9.84
CA GLY A 41 9.42 4.00 -10.05
C GLY A 41 8.94 3.30 -11.31
N ILE A 42 8.71 4.08 -12.36
CA ILE A 42 8.14 3.55 -13.60
C ILE A 42 9.01 3.82 -14.82
N PHE A 43 8.82 3.02 -15.86
CA PHE A 43 9.58 3.12 -17.10
C PHE A 43 8.76 3.77 -18.20
N LEU A 44 9.39 4.69 -18.93
CA LEU A 44 8.71 5.49 -19.95
C LEU A 44 9.51 5.55 -21.24
N CYS A 45 8.82 5.72 -22.36
CA CYS A 45 9.47 5.98 -23.65
C CYS A 45 9.91 7.45 -23.73
N ILE A 46 10.69 7.78 -24.75
CA ILE A 46 11.22 9.14 -24.92
C ILE A 46 10.13 10.21 -25.00
N ASN A 47 9.06 9.93 -25.72
CA ASN A 47 7.95 10.87 -25.89
C ASN A 47 7.18 11.13 -24.60
N CYS A 48 6.87 10.07 -23.87
CA CYS A 48 6.17 10.18 -22.59
C CYS A 48 7.03 10.83 -21.51
N SER A 49 8.36 10.72 -21.65
CA SER A 49 9.29 11.39 -20.74
C SER A 49 9.23 12.91 -20.94
N GLY A 50 8.98 13.33 -22.17
CA GLY A 50 8.73 14.74 -22.50
C GLY A 50 7.45 15.29 -21.89
N VAL A 51 6.40 14.47 -21.92
CA VAL A 51 5.11 14.83 -21.29
C VAL A 51 5.30 15.00 -19.78
N HIS A 52 6.01 14.06 -19.15
CA HIS A 52 6.31 14.12 -17.72
C HIS A 52 7.12 15.36 -17.32
N ARG A 53 8.07 15.76 -18.17
CA ARG A 53 8.84 16.98 -17.97
C ARG A 53 7.97 18.24 -17.92
N SER A 54 6.92 18.29 -18.74
CA SER A 54 6.00 19.43 -18.76
C SER A 54 5.09 19.48 -17.52
N LEU A 55 5.04 18.37 -16.78
CA LEU A 55 4.24 18.32 -15.55
C LEU A 55 4.91 19.02 -14.37
N GLY A 56 6.23 19.20 -14.46
CA GLY A 56 6.99 19.88 -13.40
C GLY A 56 7.63 18.95 -12.40
N VAL A 57 8.58 19.49 -11.63
CA VAL A 57 9.41 18.70 -10.73
C VAL A 57 8.69 18.19 -9.47
N HIS A 58 7.57 18.82 -9.13
CA HIS A 58 6.75 18.39 -8.00
C HIS A 58 5.95 17.14 -8.34
N ILE A 59 5.79 16.90 -9.64
CA ILE A 59 4.99 15.77 -10.12
C ILE A 59 5.87 14.59 -10.54
N SER A 60 6.87 14.87 -11.38
CA SER A 60 7.67 13.81 -11.97
C SER A 60 9.13 14.19 -12.13
N ILE A 61 10.01 13.25 -11.74
CA ILE A 61 11.45 13.39 -11.89
C ILE A 61 11.91 12.39 -12.96
N VAL A 62 12.42 12.91 -14.06
CA VAL A 62 12.67 12.10 -15.25
C VAL A 62 14.16 11.87 -15.50
N ARG A 63 14.54 10.62 -15.76
CA ARG A 63 15.92 10.26 -16.10
C ARG A 63 16.00 9.31 -17.31
N SER A 64 17.04 9.51 -18.12
CA SER A 64 17.34 8.64 -19.24
C SER A 64 18.31 7.53 -18.83
N ILE A 65 17.93 6.28 -19.11
CA ILE A 65 18.78 5.12 -18.84
C ILE A 65 20.08 5.14 -19.66
N LYS A 66 19.98 5.62 -20.90
CA LYS A 66 21.13 5.67 -21.81
C LYS A 66 22.10 6.81 -21.48
N MET A 67 21.55 7.96 -21.07
CA MET A 67 22.31 9.22 -21.04
C MET A 67 22.60 9.79 -19.65
N ASP A 68 21.77 9.44 -18.66
CA ASP A 68 21.91 10.03 -17.32
C ASP A 68 22.61 9.10 -16.31
N ILE A 69 23.22 9.71 -15.31
CA ILE A 69 23.73 8.98 -14.17
C ILE A 69 22.61 8.87 -13.13
N PHE A 70 22.55 7.73 -12.45
CA PHE A 70 21.54 7.52 -11.43
C PHE A 70 22.18 7.50 -10.05
N THR A 71 21.61 8.25 -9.11
CA THR A 71 22.05 8.16 -7.72
C THR A 71 21.54 6.85 -7.15
N ASP A 72 22.16 6.42 -6.06
CA ASP A 72 21.82 5.16 -5.42
C ASP A 72 20.41 5.17 -4.83
N GLU A 73 20.00 6.31 -4.29
CA GLU A 73 18.63 6.49 -3.81
C GLU A 73 17.61 6.39 -4.94
N GLN A 74 17.95 6.97 -6.10
CA GLN A 74 17.07 6.90 -7.27
C GLN A 74 16.84 5.47 -7.76
N LEU A 75 17.89 4.66 -7.71
CA LEU A 75 17.81 3.25 -8.10
C LEU A 75 16.94 2.45 -7.12
N LYS A 76 16.94 2.88 -5.86
CA LYS A 76 16.12 2.24 -4.83
C LYS A 76 14.63 2.47 -5.10
N TYR A 77 14.29 3.64 -5.61
CA TYR A 77 12.91 3.97 -6.02
C TYR A 77 12.39 2.99 -7.08
N ILE A 78 13.24 2.66 -8.05
CA ILE A 78 12.90 1.69 -9.09
C ILE A 78 12.80 0.27 -8.49
N ASP A 79 13.76 -0.07 -7.63
CA ASP A 79 13.80 -1.37 -6.95
C ASP A 79 12.53 -1.64 -6.12
N LYS A 80 12.02 -0.59 -5.48
CA LYS A 80 10.84 -0.73 -4.61
C LYS A 80 9.54 -0.50 -5.37
N GLY A 81 9.66 -0.05 -6.62
CA GLY A 81 8.49 0.22 -7.46
C GLY A 81 8.32 -0.76 -8.61
N GLY A 82 8.55 -0.27 -9.83
CA GLY A 82 8.26 -1.04 -11.04
C GLY A 82 6.91 -0.65 -11.61
N ASN A 83 6.73 -0.92 -12.90
CA ASN A 83 5.49 -0.61 -13.60
C ASN A 83 4.24 -1.30 -13.01
N LYS A 84 4.37 -2.58 -12.68
CA LYS A 84 3.26 -3.40 -12.23
C LYS A 84 2.59 -2.87 -10.95
N LYS A 85 3.40 -2.53 -9.95
CA LYS A 85 2.89 -2.05 -8.67
C LYS A 85 2.15 -0.72 -8.80
N CYS A 86 2.70 0.20 -9.59
CA CYS A 86 2.06 1.48 -9.86
C CYS A 86 0.77 1.31 -10.66
N GLN A 87 0.83 0.50 -11.73
CA GLN A 87 -0.36 0.25 -12.56
CA GLN A 87 -0.34 0.18 -12.56
C GLN A 87 -1.51 -0.34 -11.72
N THR A 88 -1.20 -1.31 -10.86
CA THR A 88 -2.20 -1.92 -9.98
C THR A 88 -2.85 -0.88 -9.06
N TYR A 89 -2.02 -0.02 -8.48
CA TYR A 89 -2.48 1.03 -7.58
C TYR A 89 -3.39 2.03 -8.31
N LEU A 90 -2.99 2.45 -9.51
CA LEU A 90 -3.77 3.40 -10.30
C LEU A 90 -5.09 2.79 -10.78
N GLU A 91 -5.06 1.51 -11.16
CA GLU A 91 -6.26 0.77 -11.56
C GLU A 91 -7.26 0.63 -10.41
N ASN A 92 -6.74 0.33 -9.21
CA ASN A 92 -7.58 0.16 -8.02
C ASN A 92 -8.39 1.42 -7.68
N TYR A 93 -7.84 2.59 -8.01
CA TYR A 93 -8.54 3.86 -7.79
C TYR A 93 -9.32 4.38 -9.01
N GLY A 94 -9.31 3.62 -10.10
CA GLY A 94 -10.08 3.96 -11.30
C GLY A 94 -9.52 5.10 -12.15
N ILE A 95 -8.25 5.43 -11.97
CA ILE A 95 -7.64 6.58 -12.63
C ILE A 95 -6.62 6.23 -13.72
N SER A 96 -6.43 4.93 -13.98
CA SER A 96 -5.37 4.47 -14.89
C SER A 96 -5.56 4.87 -16.36
N ASP A 97 -6.78 5.25 -16.74
CA ASP A 97 -7.09 5.66 -18.12
C ASP A 97 -7.20 7.18 -18.27
N PHE A 98 -6.89 7.92 -17.21
CA PHE A 98 -6.84 9.37 -17.23
C PHE A 98 -5.65 9.85 -18.08
N ILE A 99 -5.82 10.98 -18.75
CA ILE A 99 -4.71 11.62 -19.45
C ILE A 99 -3.70 12.18 -18.41
N PRO A 100 -2.42 12.34 -18.80
CA PRO A 100 -1.36 12.62 -17.82
C PRO A 100 -1.61 13.82 -16.87
N GLU A 101 -2.08 14.94 -17.41
CA GLU A 101 -2.35 16.15 -16.61
C GLU A 101 -3.32 15.92 -15.46
N ARG A 102 -4.27 15.01 -15.67
CA ARG A 102 -5.19 14.61 -14.61
C ARG A 102 -4.64 13.43 -13.79
N LYS A 103 -4.21 12.37 -14.49
CA LYS A 103 -3.75 11.13 -13.83
C LYS A 103 -2.72 11.36 -12.73
N TYR A 104 -1.66 12.10 -13.05
CA TYR A 104 -0.57 12.33 -12.10
C TYR A 104 -0.84 13.43 -11.09
N ARG A 105 -1.97 14.12 -11.20
CA ARG A 105 -2.34 15.12 -10.21
C ARG A 105 -3.47 14.67 -9.29
N THR A 106 -3.92 13.42 -9.48
CA THR A 106 -4.92 12.82 -8.59
C THR A 106 -4.33 12.57 -7.21
N LYS A 107 -5.20 12.55 -6.20
CA LYS A 107 -4.80 12.18 -4.83
C LYS A 107 -4.24 10.76 -4.80
N ALA A 108 -4.81 9.87 -5.61
CA ALA A 108 -4.35 8.49 -5.73
C ALA A 108 -2.88 8.40 -6.18
N ALA A 109 -2.51 9.15 -7.22
CA ALA A 109 -1.14 9.18 -7.73
C ALA A 109 -0.20 9.84 -6.73
N ASP A 110 -0.66 10.92 -6.10
CA ASP A 110 0.09 11.61 -5.06
C ASP A 110 0.32 10.69 -3.87
N HIS A 111 -0.71 9.91 -3.52
CA HIS A 111 -0.63 8.96 -2.43
C HIS A 111 0.34 7.82 -2.74
N TYR A 112 0.38 7.38 -4.00
CA TYR A 112 1.33 6.35 -4.41
C TYR A 112 2.78 6.84 -4.30
N ARG A 113 3.02 8.11 -4.63
CA ARG A 113 4.35 8.71 -4.46
C ARG A 113 4.80 8.64 -3.01
N LYS A 114 3.88 8.94 -2.09
CA LYS A 114 4.17 8.93 -0.67
C LYS A 114 4.46 7.52 -0.17
N ILE A 115 3.71 6.54 -0.67
CA ILE A 115 3.91 5.14 -0.34
C ILE A 115 5.30 4.66 -0.77
N LEU A 116 5.61 4.87 -2.05
CA LEU A 116 6.91 4.50 -2.60
C LEU A 116 8.08 5.15 -1.84
N ARG A 117 7.93 6.44 -1.53
CA ARG A 117 8.92 7.17 -0.75
C ARG A 117 9.15 6.53 0.62
N SER A 118 8.06 6.15 1.29
CA SER A 118 8.14 5.53 2.61
C SER A 118 8.82 4.15 2.56
N ILE A 119 8.60 3.40 1.48
CA ILE A 119 9.25 2.09 1.31
C ILE A 119 10.76 2.28 1.11
N VAL A 120 11.13 3.25 0.29
CA VAL A 120 12.53 3.63 0.06
C VAL A 120 13.23 4.07 1.36
N HIS A 121 12.54 4.83 2.20
CA HIS A 121 13.13 5.34 3.45
C HIS A 121 12.93 4.41 4.65
N ASN A 122 12.28 3.27 4.41
CA ASN A 122 12.04 2.25 5.44
C ASN A 122 11.29 2.80 6.66
N VAL A 123 10.28 3.62 6.41
CA VAL A 123 9.41 4.15 7.46
C VAL A 123 7.96 3.71 7.22
N ASP A 124 7.09 3.97 8.21
CA ASP A 124 5.67 3.64 8.11
C ASP A 124 5.04 4.34 6.90
N PRO A 125 4.13 3.63 6.20
CA PRO A 125 3.42 4.24 5.08
C PRO A 125 2.31 5.19 5.56
N PRO A 126 1.84 6.09 4.67
CA PRO A 126 0.69 6.92 5.03
C PRO A 126 -0.56 6.06 5.21
N ALA A 127 -1.55 6.58 5.94
CA ALA A 127 -2.84 5.91 6.08
C ALA A 127 -3.43 5.64 4.69
N PRO A 128 -4.08 4.47 4.52
CA PRO A 128 -4.70 4.15 3.23
C PRO A 128 -5.68 5.23 2.80
N LEU A 129 -5.64 5.56 1.51
CA LEU A 129 -6.48 6.61 0.96
C LEU A 129 -7.85 6.05 0.61
N PRO A 130 -8.94 6.68 1.12
CA PRO A 130 -10.28 6.25 0.76
C PRO A 130 -10.51 6.33 -0.74
N LEU A 131 -11.19 5.33 -1.28
CA LEU A 131 -11.46 5.21 -2.71
C LEU A 131 -12.15 6.43 -3.31
N ASP A 132 -13.08 7.04 -2.56
CA ASP A 132 -13.84 8.19 -3.06
C ASP A 132 -13.05 9.51 -3.13
N GLU A 133 -11.87 9.54 -2.51
CA GLU A 133 -10.99 10.71 -2.57
C GLU A 133 -9.95 10.59 -3.69
N GLY A 134 -9.78 9.38 -4.22
CA GLY A 134 -8.72 9.09 -5.19
C GLY A 134 -8.74 9.85 -6.49
N LYS A 135 -9.93 10.11 -7.01
CA LYS A 135 -10.10 10.80 -8.30
C LYS A 135 -9.94 12.32 -8.21
N SER A 136 -10.09 12.87 -7.01
CA SER A 136 -9.90 14.31 -6.77
C SER A 136 -8.45 14.71 -7.03
N LEU A 137 -8.26 15.91 -7.57
CA LEU A 137 -6.93 16.43 -7.84
C LEU A 137 -6.36 17.19 -6.67
N ILE A 138 -5.04 17.14 -6.51
CA ILE A 138 -4.30 17.92 -5.51
C ILE A 138 -4.28 19.40 -5.90
N ASN A 139 -4.01 20.27 -4.92
CA ASN A 139 -3.98 21.72 -5.15
C ASN A 139 -2.80 22.20 -6.01
N ALA B 8 -0.02 -1.58 30.28
CA ALA B 8 -0.44 -2.30 29.03
C ALA B 8 -1.86 -1.95 28.61
N VAL B 9 -2.76 -1.85 29.59
CA VAL B 9 -4.15 -1.45 29.35
C VAL B 9 -4.22 0.04 29.01
N GLU B 10 -3.35 0.83 29.65
CA GLU B 10 -3.26 2.27 29.42
C GLU B 10 -2.80 2.60 27.99
N PHE B 11 -2.00 1.71 27.40
CA PHE B 11 -1.53 1.86 26.02
C PHE B 11 -2.68 1.78 25.01
N ILE B 12 -3.62 0.87 25.26
CA ILE B 12 -4.82 0.72 24.43
C ILE B 12 -5.77 1.90 24.59
N ASN B 13 -5.97 2.33 25.84
CA ASN B 13 -6.82 3.48 26.14
C ASN B 13 -6.32 4.77 25.49
N ARG B 14 -5.00 4.89 25.39
CA ARG B 14 -4.36 6.01 24.70
C ARG B 14 -4.64 5.96 23.19
N LEU B 15 -4.59 4.76 22.62
CA LEU B 15 -4.86 4.56 21.19
C LEU B 15 -6.32 4.81 20.83
N LYS B 16 -7.21 4.61 21.80
CA LYS B 16 -8.63 4.91 21.63
C LYS B 16 -8.88 6.41 21.60
N LYS B 17 -8.07 7.16 22.35
CA LYS B 17 -8.15 8.63 22.38
C LYS B 17 -7.63 9.25 21.09
N GLU B 18 -6.55 8.70 20.55
CA GLU B 18 -5.95 9.18 19.29
C GLU B 18 -6.85 8.90 18.09
N ASP B 19 -7.25 7.64 17.93
CA ASP B 19 -8.15 7.22 16.86
C ASP B 19 -9.52 6.91 17.45
N GLU B 20 -10.48 7.81 17.22
CA GLU B 20 -11.82 7.72 17.82
C GLU B 20 -12.68 6.58 17.28
N SER B 21 -12.34 6.06 16.10
CA SER B 21 -13.05 4.93 15.50
C SER B 21 -12.79 3.61 16.23
N ASN B 22 -11.76 3.60 17.08
CA ASN B 22 -11.42 2.44 17.92
C ASN B 22 -12.41 2.22 19.07
N ASN B 23 -13.29 3.20 19.29
CA ASN B 23 -14.27 3.16 20.38
C ASN B 23 -15.59 2.47 20.00
N LYS B 24 -15.62 1.94 18.79
CA LYS B 24 -16.74 1.14 18.29
C LYS B 24 -16.21 -0.20 17.78
N CYS B 25 -16.98 -1.26 17.99
CA CYS B 25 -16.61 -2.58 17.46
C CYS B 25 -16.49 -2.53 15.94
N PHE B 26 -15.40 -3.08 15.43
CA PHE B 26 -15.12 -3.05 13.99
C PHE B 26 -16.22 -3.71 13.14
N ASP B 27 -16.77 -4.81 13.65
CA ASP B 27 -17.72 -5.62 12.88
C ASP B 27 -19.19 -5.20 13.01
N CYS B 28 -19.63 -4.85 14.21
CA CYS B 28 -21.06 -4.55 14.44
C CYS B 28 -21.36 -3.10 14.80
N GLY B 29 -20.34 -2.36 15.23
CA GLY B 29 -20.47 -0.92 15.49
C GLY B 29 -20.88 -0.52 16.90
N ILE B 30 -21.02 -1.49 17.79
CA ILE B 30 -21.39 -1.22 19.19
C ILE B 30 -20.26 -0.51 19.94
N SER B 31 -20.61 0.40 20.84
CA SER B 31 -19.63 1.21 21.55
C SER B 31 -18.86 0.42 22.61
N ASN B 32 -17.65 0.90 22.92
CA ASN B 32 -16.76 0.31 23.95
C ASN B 32 -16.38 -1.15 23.70
N PRO B 33 -15.46 -1.40 22.74
CA PRO B 33 -14.98 -2.75 22.48
C PRO B 33 -13.86 -3.14 23.45
N ASP B 34 -13.99 -4.33 24.05
CA ASP B 34 -13.05 -4.79 25.07
C ASP B 34 -12.13 -5.91 24.57
N TRP B 35 -12.22 -6.22 23.28
CA TRP B 35 -11.43 -7.29 22.67
C TRP B 35 -10.68 -6.78 21.45
N VAL B 36 -9.64 -7.52 21.06
CA VAL B 36 -8.80 -7.13 19.94
C VAL B 36 -8.49 -8.33 19.04
N SER B 37 -8.55 -8.11 17.73
CA SER B 37 -7.94 -9.02 16.77
C SER B 37 -6.57 -8.44 16.43
N VAL B 38 -5.54 -9.01 17.05
CA VAL B 38 -4.17 -8.49 17.00
C VAL B 38 -3.64 -8.35 15.57
N ASN B 39 -3.73 -9.43 14.79
CA ASN B 39 -3.16 -9.46 13.45
C ASN B 39 -3.89 -8.60 12.41
N HIS B 40 -5.03 -8.04 12.80
CA HIS B 40 -5.73 -7.04 12.00
C HIS B 40 -5.59 -5.64 12.60
N GLY B 41 -5.17 -5.60 13.87
CA GLY B 41 -5.03 -4.35 14.61
C GLY B 41 -6.38 -3.67 14.82
N ILE B 42 -7.42 -4.47 15.00
CA ILE B 42 -8.78 -3.96 15.14
C ILE B 42 -9.39 -4.27 16.50
N PHE B 43 -10.42 -3.50 16.85
CA PHE B 43 -11.11 -3.64 18.12
C PHE B 43 -12.47 -4.29 17.94
N LEU B 44 -12.79 -5.22 18.85
CA LEU B 44 -14.03 -6.00 18.76
C LEU B 44 -14.73 -6.11 20.11
N CYS B 45 -16.05 -6.29 20.06
CA CYS B 45 -16.83 -6.58 21.26
C CYS B 45 -16.74 -8.07 21.58
N ILE B 46 -17.29 -8.48 22.73
CA ILE B 46 -17.24 -9.87 23.16
C ILE B 46 -17.95 -10.84 22.20
N ASN B 47 -19.06 -10.40 21.62
CA ASN B 47 -19.84 -11.24 20.71
C ASN B 47 -19.18 -11.47 19.36
N CYS B 48 -18.59 -10.40 18.80
CA CYS B 48 -17.90 -10.49 17.52
C CYS B 48 -16.56 -11.22 17.64
N SER B 49 -15.93 -11.12 18.81
CA SER B 49 -14.68 -11.85 19.09
C SER B 49 -14.91 -13.37 19.08
N GLY B 50 -16.14 -13.78 19.43
CA GLY B 50 -16.54 -15.18 19.36
C GLY B 50 -16.53 -15.72 17.94
N VAL B 51 -16.97 -14.89 17.00
CA VAL B 51 -16.91 -15.22 15.58
C VAL B 51 -15.46 -15.38 15.12
N HIS B 52 -14.60 -14.45 15.56
CA HIS B 52 -13.18 -14.48 15.23
C HIS B 52 -12.47 -15.71 15.77
N ARG B 53 -12.86 -16.15 16.98
CA ARG B 53 -12.30 -17.36 17.56
C ARG B 53 -12.68 -18.62 16.79
N SER B 54 -13.90 -18.64 16.24
CA SER B 54 -14.35 -19.76 15.42
C SER B 54 -13.64 -19.84 14.07
N LEU B 55 -13.13 -18.69 13.60
CA LEU B 55 -12.37 -18.62 12.35
C LEU B 55 -10.99 -19.28 12.46
N GLY B 56 -10.41 -19.29 13.66
CA GLY B 56 -9.13 -19.94 13.90
C GLY B 56 -7.94 -19.00 13.96
N VAL B 57 -6.86 -19.48 14.57
CA VAL B 57 -5.63 -18.70 14.80
C VAL B 57 -4.92 -18.26 13.51
N HIS B 58 -5.03 -19.06 12.44
CA HIS B 58 -4.43 -18.72 11.15
C HIS B 58 -5.15 -17.55 10.47
N ILE B 59 -6.36 -17.23 10.94
CA ILE B 59 -7.13 -16.10 10.43
C ILE B 59 -7.10 -14.90 11.39
N SER B 60 -7.42 -15.15 12.66
CA SER B 60 -7.55 -14.07 13.63
C SER B 60 -6.97 -14.46 14.99
N ILE B 61 -6.18 -13.57 15.57
CA ILE B 61 -5.61 -13.78 16.91
C ILE B 61 -6.36 -12.89 17.90
N VAL B 62 -7.23 -13.52 18.70
CA VAL B 62 -8.14 -12.81 19.57
C VAL B 62 -7.58 -12.67 20.99
N ARG B 63 -7.58 -11.44 21.50
CA ARG B 63 -7.11 -11.16 22.85
C ARG B 63 -8.08 -10.24 23.60
N SER B 64 -8.17 -10.44 24.91
CA SER B 64 -8.96 -9.59 25.79
C SER B 64 -8.08 -8.51 26.40
N ILE B 65 -8.54 -7.26 26.33
CA ILE B 65 -7.81 -6.12 26.88
C ILE B 65 -7.73 -6.17 28.41
N LYS B 66 -8.79 -6.69 29.05
CA LYS B 66 -8.87 -6.73 30.50
C LYS B 66 -8.37 -8.02 31.14
N MET B 67 -8.10 -9.05 30.31
CA MET B 67 -7.76 -10.38 30.83
C MET B 67 -6.40 -10.93 30.37
N ASP B 68 -6.05 -10.70 29.11
CA ASP B 68 -4.83 -11.28 28.53
C ASP B 68 -3.58 -10.42 28.75
N ILE B 69 -2.43 -11.08 28.70
CA ILE B 69 -1.14 -10.38 28.73
C ILE B 69 -0.70 -10.08 27.29
N PHE B 70 -0.22 -8.86 27.06
CA PHE B 70 0.20 -8.44 25.73
C PHE B 70 1.72 -8.30 25.64
N THR B 71 2.30 -8.94 24.63
CA THR B 71 3.73 -8.76 24.32
C THR B 71 3.94 -7.42 23.64
N ASP B 72 5.20 -7.00 23.55
CA ASP B 72 5.57 -5.72 22.95
C ASP B 72 5.19 -5.64 21.47
N GLU B 73 5.34 -6.77 20.76
CA GLU B 73 5.04 -6.85 19.34
C GLU B 73 3.54 -6.79 19.05
N GLN B 74 2.74 -7.39 19.93
CA GLN B 74 1.28 -7.40 19.80
C GLN B 74 0.68 -6.00 19.94
N LEU B 75 1.26 -5.20 20.83
CA LEU B 75 0.86 -3.81 21.00
C LEU B 75 1.20 -2.97 19.77
N LYS B 76 2.30 -3.32 19.11
CA LYS B 76 2.73 -2.62 17.90
C LYS B 76 1.75 -2.85 16.74
N TYR B 77 1.22 -4.06 16.65
CA TYR B 77 0.19 -4.39 15.65
C TYR B 77 -1.03 -3.48 15.77
N ILE B 78 -1.40 -3.16 17.01
CA ILE B 78 -2.55 -2.28 17.26
C ILE B 78 -2.18 -0.83 16.97
N ASP B 79 -0.97 -0.44 17.36
CA ASP B 79 -0.45 0.91 17.14
C ASP B 79 -0.36 1.26 15.66
N LYS B 80 0.09 0.31 14.84
CA LYS B 80 0.28 0.51 13.40
C LYS B 80 -1.01 0.26 12.61
N GLY B 81 -2.03 -0.25 13.30
CA GLY B 81 -3.31 -0.53 12.68
C GLY B 81 -4.41 0.44 13.10
N GLY B 82 -5.36 -0.05 13.88
CA GLY B 82 -6.54 0.71 14.26
C GLY B 82 -7.71 0.39 13.34
N ASN B 83 -8.92 0.65 13.82
CA ASN B 83 -10.14 0.36 13.06
C ASN B 83 -10.24 1.09 11.72
N LYS B 84 -9.88 2.38 11.73
CA LYS B 84 -10.01 3.23 10.55
C LYS B 84 -9.23 2.72 9.34
N LYS B 85 -7.95 2.38 9.56
CA LYS B 85 -7.06 1.94 8.48
C LYS B 85 -7.52 0.62 7.86
N CYS B 86 -7.97 -0.29 8.70
CA CYS B 86 -8.51 -1.57 8.24
C CYS B 86 -9.82 -1.37 7.49
N GLN B 87 -10.69 -0.51 8.02
CA GLN B 87 -11.99 -0.23 7.39
C GLN B 87 -11.82 0.36 5.99
N THR B 88 -10.91 1.34 5.87
CA THR B 88 -10.60 1.94 4.57
C THR B 88 -10.16 0.88 3.54
N TYR B 89 -9.26 0.00 3.95
CA TYR B 89 -8.78 -1.08 3.08
CA TYR B 89 -8.78 -1.09 3.09
C TYR B 89 -9.90 -2.01 2.63
N LEU B 90 -10.76 -2.41 3.57
CA LEU B 90 -11.85 -3.33 3.25
C LEU B 90 -12.92 -2.67 2.40
N GLU B 91 -13.15 -1.37 2.62
CA GLU B 91 -14.06 -0.58 1.80
C GLU B 91 -13.52 -0.47 0.37
N ASN B 92 -12.23 -0.16 0.25
CA ASN B 92 -11.57 -0.02 -1.05
C ASN B 92 -11.70 -1.26 -1.93
N TYR B 93 -11.67 -2.43 -1.30
CA TYR B 93 -11.80 -3.70 -2.02
C TYR B 93 -13.24 -4.20 -2.13
N GLY B 94 -14.17 -3.45 -1.55
CA GLY B 94 -15.60 -3.74 -1.66
C GLY B 94 -16.10 -4.89 -0.80
N ILE B 95 -15.35 -5.24 0.24
CA ILE B 95 -15.69 -6.37 1.11
C ILE B 95 -16.15 -5.97 2.52
N SER B 96 -16.23 -4.67 2.79
CA SER B 96 -16.59 -4.17 4.12
C SER B 96 -17.96 -4.61 4.64
N ASP B 97 -18.88 -4.94 3.72
CA ASP B 97 -20.22 -5.38 4.09
C ASP B 97 -20.41 -6.91 4.07
N PHE B 98 -19.33 -7.63 3.75
CA PHE B 98 -19.34 -9.09 3.80
C PHE B 98 -19.56 -9.56 5.24
N ILE B 99 -20.23 -10.69 5.41
CA ILE B 99 -20.33 -11.30 6.74
C ILE B 99 -18.93 -11.68 7.24
N PRO B 100 -18.65 -11.49 8.54
CA PRO B 100 -17.32 -11.74 9.09
C PRO B 100 -16.71 -13.08 8.71
N GLU B 101 -17.52 -14.15 8.71
CA GLU B 101 -17.06 -15.49 8.36
C GLU B 101 -16.52 -15.59 6.93
N ARG B 102 -16.99 -14.69 6.07
CA ARG B 102 -16.54 -14.60 4.69
C ARG B 102 -15.47 -13.51 4.55
N LYS B 103 -15.72 -12.37 5.19
CA LYS B 103 -14.88 -11.17 5.07
C LYS B 103 -13.39 -11.44 5.34
N TYR B 104 -13.10 -12.15 6.43
CA TYR B 104 -11.72 -12.37 6.84
C TYR B 104 -11.04 -13.52 6.10
N ARG B 105 -11.77 -14.24 5.27
CA ARG B 105 -11.18 -15.31 4.49
C ARG B 105 -10.92 -14.90 3.03
N THR B 106 -11.12 -13.61 2.74
CA THR B 106 -10.88 -13.08 1.41
C THR B 106 -9.40 -12.76 1.20
N LYS B 107 -9.00 -12.68 -0.07
CA LYS B 107 -7.65 -12.26 -0.42
C LYS B 107 -7.35 -10.83 0.05
N ALA B 108 -8.36 -9.96 -0.01
CA ALA B 108 -8.22 -8.57 0.44
C ALA B 108 -7.90 -8.51 1.95
N ALA B 109 -8.61 -9.28 2.75
CA ALA B 109 -8.34 -9.35 4.20
C ALA B 109 -6.98 -9.97 4.50
N ASP B 110 -6.63 -11.03 3.77
CA ASP B 110 -5.32 -11.66 3.87
C ASP B 110 -4.21 -10.68 3.52
N HIS B 111 -4.46 -9.85 2.50
CA HIS B 111 -3.51 -8.86 2.06
C HIS B 111 -3.28 -7.76 3.10
N TYR B 112 -4.34 -7.35 3.80
CA TYR B 112 -4.18 -6.35 4.86
C TYR B 112 -3.34 -6.86 6.02
N ARG B 113 -3.53 -8.14 6.37
CA ARG B 113 -2.72 -8.79 7.39
C ARG B 113 -1.25 -8.71 7.03
N LYS B 114 -0.93 -9.03 5.78
CA LYS B 114 0.42 -8.98 5.26
C LYS B 114 0.99 -7.56 5.35
N ILE B 115 0.17 -6.57 4.99
CA ILE B 115 0.58 -5.17 5.05
C ILE B 115 0.88 -4.75 6.49
N LEU B 116 -0.03 -5.06 7.41
CA LEU B 116 0.16 -4.74 8.82
C LEU B 116 1.40 -5.40 9.40
N ARG B 117 1.58 -6.69 9.14
CA ARG B 117 2.78 -7.43 9.55
C ARG B 117 4.05 -6.77 9.03
N SER B 118 4.02 -6.34 7.77
CA SER B 118 5.17 -5.70 7.14
C SER B 118 5.53 -4.36 7.78
N ILE B 119 4.52 -3.62 8.24
CA ILE B 119 4.74 -2.36 8.94
C ILE B 119 5.34 -2.61 10.32
N VAL B 120 4.77 -3.61 11.02
CA VAL B 120 5.28 -4.04 12.32
C VAL B 120 6.75 -4.47 12.24
N HIS B 121 7.08 -5.27 11.23
CA HIS B 121 8.42 -5.81 11.06
C HIS B 121 9.40 -4.85 10.38
N ASN B 122 8.89 -3.69 9.94
CA ASN B 122 9.70 -2.67 9.27
CA ASN B 122 9.69 -2.67 9.26
C ASN B 122 10.37 -3.20 8.00
N VAL B 123 9.59 -3.90 7.18
CA VAL B 123 10.07 -4.43 5.91
C VAL B 123 9.17 -3.92 4.79
N ASP B 124 9.52 -4.23 3.55
CA ASP B 124 8.72 -3.84 2.39
C ASP B 124 7.34 -4.47 2.45
N PRO B 125 6.29 -3.71 2.06
CA PRO B 125 4.95 -4.28 2.02
C PRO B 125 4.80 -5.22 0.82
N PRO B 126 3.78 -6.10 0.82
CA PRO B 126 3.53 -6.90 -0.38
C PRO B 126 3.10 -6.01 -1.53
N ALA B 127 3.31 -6.48 -2.76
CA ALA B 127 2.78 -5.81 -3.95
C ALA B 127 1.28 -5.54 -3.75
N PRO B 128 0.79 -4.37 -4.22
CA PRO B 128 -0.64 -4.10 -4.10
C PRO B 128 -1.48 -5.18 -4.78
N LEU B 129 -2.54 -5.61 -4.10
CA LEU B 129 -3.44 -6.62 -4.63
C LEU B 129 -4.42 -5.99 -5.63
N PRO B 130 -4.57 -6.61 -6.82
CA PRO B 130 -5.53 -6.09 -7.79
C PRO B 130 -6.96 -6.16 -7.27
N LEU B 131 -7.72 -5.11 -7.56
CA LEU B 131 -9.10 -4.97 -7.09
C LEU B 131 -9.98 -6.18 -7.40
N ASP B 132 -9.85 -6.72 -8.62
CA ASP B 132 -10.69 -7.83 -9.07
C ASP B 132 -10.35 -9.19 -8.42
N GLU B 133 -9.28 -9.24 -7.64
CA GLU B 133 -8.90 -10.44 -6.90
C GLU B 133 -9.35 -10.38 -5.44
N GLY B 134 -9.70 -9.17 -4.98
CA GLY B 134 -10.01 -8.91 -3.58
C GLY B 134 -11.12 -9.74 -2.93
N LYS B 135 -12.18 -10.02 -3.69
CA LYS B 135 -13.34 -10.74 -3.16
C LYS B 135 -13.16 -12.26 -3.07
N SER B 136 -12.13 -12.78 -3.73
CA SER B 136 -11.86 -14.22 -3.78
C SER B 136 -11.43 -14.77 -2.42
N LEU B 137 -11.93 -15.97 -2.10
CA LEU B 137 -11.54 -16.66 -0.86
C LEU B 137 -10.24 -17.41 -1.08
N ILE B 138 -9.41 -17.47 -0.03
CA ILE B 138 -8.11 -18.13 -0.08
C ILE B 138 -8.27 -19.64 -0.16
ZN ZN C . 5.16 6.17 -23.92
S SO4 D . 33.30 3.99 -10.11
O1 SO4 D . 32.91 3.04 -9.08
O2 SO4 D . 34.63 3.66 -10.60
O3 SO4 D . 32.34 3.92 -11.22
O4 SO4 D . 33.28 5.34 -9.56
S SO4 E . 12.68 13.36 -0.09
O1 SO4 E . 13.13 12.94 1.23
O2 SO4 E . 13.75 13.16 -1.06
O3 SO4 E . 11.52 12.55 -0.48
O4 SO4 E . 12.29 14.76 -0.06
ZN ZN F . -19.35 -6.42 17.71
#